data_4DVI
#
_entry.id   4DVI
#
_cell.length_a   41.47
_cell.length_b   77.94
_cell.length_c   146.54
_cell.angle_alpha   90
_cell.angle_beta   90
_cell.angle_gamma   90
#
_symmetry.space_group_name_H-M   'P 21 21 21'
#
loop_
_entity.id
_entity.type
_entity.pdbx_description
1 polymer Tankyrase-1
2 non-polymer 'ZINC ION'
3 non-polymer 4-[(3aR,4S,7R,7aS)-1,3-dioxo-1,3,3a,4,7,7a-hexahydro-2H-4,7-methanoisoindol-2-yl]-N-(4-methylquinolin-8-yl)benzamide
4 water water
#
_entity_poly.entity_id   1
_entity_poly.type   'polypeptide(L)'
_entity_poly.pdbx_seq_one_letter_code
;QGTILLDLAPEDKEYQSVEEEMQSTIREHRDGGNAGGIFNRYNVIRIQKVVNKKLRERFCHRQKEVSEENHNHHNERMLF
HGSPFINAIIHKGFDERHAYIGGMFGAGIYFAENSSKSNQYVYGIGGGTGCPTHKDRSCYICHRQMLFCRVTLGKSFLQF
STMKMAHAPPGHHSVIGRPSVNGLAYAEYVIYRGEQAYPEYLITYQIMKPEHHHHHH
;
_entity_poly.pdbx_strand_id   A,B
#
loop_
_chem_comp.id
_chem_comp.type
_chem_comp.name
_chem_comp.formula
2IW non-polymer 4-[(3aR,4S,7R,7aS)-1,3-dioxo-1,3,3a,4,7,7a-hexahydro-2H-4,7-methanoisoindol-2-yl]-N-(4-methylquinolin-8-yl)benzamide 'C26 H21 N3 O3'
ZN non-polymer 'ZINC ION' 'Zn 2'
#
# COMPACT_ATOMS: atom_id res chain seq x y z
N GLN A 1 24.70 -27.06 2.20
CA GLN A 1 24.33 -27.99 3.30
C GLN A 1 22.91 -28.45 3.08
N GLY A 2 22.12 -27.64 2.37
CA GLY A 2 20.74 -27.97 2.09
C GLY A 2 19.80 -27.47 3.18
N THR A 3 18.53 -27.85 3.09
CA THR A 3 17.56 -27.42 4.07
C THR A 3 17.49 -28.35 5.23
N ILE A 4 17.46 -27.79 6.44
CA ILE A 4 17.34 -28.64 7.62
C ILE A 4 16.06 -28.25 8.20
N LEU A 5 15.22 -29.22 8.54
CA LEU A 5 13.91 -28.90 9.11
C LEU A 5 13.96 -29.13 10.59
N LEU A 6 13.68 -28.11 11.37
CA LEU A 6 13.70 -28.23 12.83
C LEU A 6 12.31 -28.29 13.37
N ASP A 7 12.04 -29.30 14.19
CA ASP A 7 10.70 -29.45 14.78
C ASP A 7 10.47 -28.60 15.87
N LEU A 8 9.31 -27.94 15.88
CA LEU A 8 9.06 -27.09 17.03
C LEU A 8 8.21 -27.86 17.95
N ALA A 9 8.43 -27.68 19.25
CA ALA A 9 7.61 -28.38 20.23
C ALA A 9 6.37 -27.54 20.54
N PRO A 10 5.19 -28.18 20.61
CA PRO A 10 3.99 -27.41 20.90
C PRO A 10 4.07 -26.59 22.20
N GLU A 11 4.98 -26.92 23.11
CA GLU A 11 5.07 -26.11 24.33
C GLU A 11 5.95 -24.92 24.15
N ASP A 12 6.55 -24.81 22.97
CA ASP A 12 7.40 -23.67 22.63
C ASP A 12 6.54 -22.55 22.13
N LYS A 13 6.76 -21.36 22.68
CA LYS A 13 5.97 -20.21 22.29
C LYS A 13 6.03 -19.90 20.78
N GLU A 14 7.08 -20.35 20.12
CA GLU A 14 7.20 -20.09 18.68
C GLU A 14 6.18 -20.96 17.94
N TYR A 15 5.91 -22.13 18.48
CA TYR A 15 4.94 -23.06 17.90
C TYR A 15 3.59 -22.53 18.05
N GLN A 16 3.28 -22.09 19.26
CA GLN A 16 1.96 -21.54 19.56
C GLN A 16 1.65 -20.31 18.79
N SER A 17 2.65 -19.47 18.61
CA SER A 17 2.44 -18.24 17.88
C SER A 17 2.04 -18.54 16.47
N VAL A 18 2.77 -19.45 15.83
CA VAL A 18 2.47 -19.81 14.46
C VAL A 18 1.07 -20.46 14.27
N GLU A 19 0.70 -21.38 15.15
CA GLU A 19 -0.61 -22.03 15.05
C GLU A 19 -1.73 -21.00 15.28
N GLU A 20 -1.53 -20.13 16.25
CA GLU A 20 -2.53 -19.12 16.56
C GLU A 20 -2.84 -18.29 15.36
N GLU A 21 -1.79 -17.82 14.68
CA GLU A 21 -1.96 -16.99 13.49
C GLU A 21 -2.74 -17.70 12.44
N MET A 22 -2.48 -18.99 12.29
CA MET A 22 -3.14 -19.81 11.29
C MET A 22 -4.60 -20.08 11.63
N GLN A 23 -4.86 -20.46 12.88
CA GLN A 23 -6.21 -20.76 13.32
C GLN A 23 -7.11 -19.52 13.36
N SER A 24 -6.56 -18.37 13.79
CA SER A 24 -7.36 -17.16 13.91
C SER A 24 -7.57 -16.41 12.63
N THR A 25 -6.83 -16.73 11.58
CA THR A 25 -7.00 -16.03 10.30
C THR A 25 -7.91 -16.80 9.37
N ILE A 26 -8.67 -17.73 9.93
CA ILE A 26 -9.58 -18.47 9.10
C ILE A 26 -10.82 -17.61 8.89
N ARG A 27 -11.20 -17.42 7.63
CA ARG A 27 -12.46 -16.72 7.35
C ARG A 27 -13.27 -17.55 6.41
N GLU A 28 -14.58 -17.26 6.34
CA GLU A 28 -15.47 -17.99 5.43
C GLU A 28 -15.40 -17.41 4.16
N HIS A 29 -15.45 -18.24 3.12
CA HIS A 29 -15.35 -17.70 1.77
C HIS A 29 -16.65 -17.74 1.04
N ARG A 30 -16.76 -17.00 -0.07
CA ARG A 30 -18.01 -16.96 -0.82
C ARG A 30 -18.31 -18.09 -1.68
N ASP A 31 -17.36 -19.03 -1.82
CA ASP A 31 -17.58 -20.19 -2.68
C ASP A 31 -18.21 -21.40 -1.99
N GLY A 32 -18.71 -21.19 -0.78
CA GLY A 32 -19.34 -22.27 -0.06
C GLY A 32 -18.42 -23.45 0.26
N GLY A 33 -17.12 -23.17 0.35
CA GLY A 33 -16.15 -24.20 0.67
C GLY A 33 -15.71 -25.08 -0.48
N ASN A 34 -16.16 -24.77 -1.69
CA ASN A 34 -15.79 -25.60 -2.83
C ASN A 34 -14.23 -25.77 -3.03
N ALA A 35 -13.48 -24.68 -2.98
CA ALA A 35 -12.03 -24.75 -3.20
C ALA A 35 -11.19 -25.38 -2.09
N GLY A 36 -11.32 -24.89 -0.86
CA GLY A 36 -10.52 -25.42 0.24
C GLY A 36 -11.18 -26.37 1.23
N GLY A 37 -12.47 -26.62 1.04
CA GLY A 37 -13.19 -27.51 1.94
C GLY A 37 -14.06 -26.79 2.95
N ILE A 38 -14.87 -27.57 3.67
CA ILE A 38 -15.77 -27.05 4.69
C ILE A 38 -15.16 -27.37 6.04
N PHE A 39 -14.83 -26.33 6.80
CA PHE A 39 -14.20 -26.54 8.10
C PHE A 39 -14.19 -25.28 8.91
N ASN A 40 -14.12 -25.45 10.23
CA ASN A 40 -14.07 -24.31 11.14
C ASN A 40 -12.65 -24.18 11.85
N ARG A 41 -11.89 -25.28 11.89
CA ARG A 41 -10.56 -25.24 12.46
C ARG A 41 -9.61 -26.25 11.77
N TYR A 42 -8.32 -26.13 12.07
CA TYR A 42 -7.33 -27.02 11.51
C TYR A 42 -6.82 -27.90 12.61
N ASN A 43 -6.34 -29.09 12.26
CA ASN A 43 -5.72 -29.97 13.24
C ASN A 43 -4.26 -29.78 12.84
N VAL A 44 -3.52 -28.99 13.59
CA VAL A 44 -2.11 -28.74 13.27
C VAL A 44 -1.37 -29.84 13.82
N ILE A 45 -0.77 -30.65 12.95
CA ILE A 45 -0.03 -31.83 13.41
C ILE A 45 1.44 -31.70 13.43
N ARG A 46 1.98 -30.64 12.82
CA ARG A 46 3.42 -30.44 12.82
C ARG A 46 3.81 -29.05 12.32
N ILE A 47 4.86 -28.49 12.92
CA ILE A 47 5.36 -27.19 12.51
C ILE A 47 6.83 -27.28 12.58
N GLN A 48 7.46 -27.05 11.43
CA GLN A 48 8.90 -27.11 11.31
C GLN A 48 9.51 -25.85 10.84
N LYS A 49 10.62 -25.48 11.47
CA LYS A 49 11.33 -24.27 11.09
C LYS A 49 12.28 -24.67 9.96
N VAL A 50 12.22 -23.92 8.87
CA VAL A 50 13.06 -24.20 7.71
C VAL A 50 14.40 -23.45 7.78
N VAL A 51 15.49 -24.21 7.80
CA VAL A 51 16.83 -23.65 7.89
C VAL A 51 17.64 -23.90 6.68
N ASN A 52 18.01 -22.83 5.97
CA ASN A 52 18.82 -22.94 4.77
C ASN A 52 19.67 -21.72 4.67
N LYS A 53 20.96 -21.89 4.92
CA LYS A 53 21.92 -20.79 4.89
C LYS A 53 21.89 -19.99 3.58
N LEU A 55 19.54 -19.86 1.13
CA LEU A 55 18.25 -19.19 0.93
C LEU A 55 18.17 -17.92 1.72
N ARG A 56 18.57 -17.99 3.00
CA ARG A 56 18.54 -16.81 3.87
C ARG A 56 19.37 -15.65 3.31
N GLU A 57 20.49 -16.02 2.71
CA GLU A 57 21.41 -15.05 2.14
C GLU A 57 20.88 -14.48 0.89
N ARG A 58 20.36 -15.32 -0.01
CA ARG A 58 19.76 -14.80 -1.23
C ARG A 58 18.62 -13.79 -0.79
N PHE A 59 17.87 -14.20 0.24
CA PHE A 59 16.77 -13.41 0.78
C PHE A 59 17.19 -12.12 1.38
N CYS A 60 18.26 -12.17 2.17
CA CYS A 60 18.77 -10.97 2.83
C CYS A 60 19.41 -10.02 1.86
N HIS A 61 20.04 -10.55 0.82
CA HIS A 61 20.67 -9.72 -0.19
C HIS A 61 19.65 -8.93 -0.89
N ARG A 62 18.60 -9.59 -1.37
CA ARG A 62 17.54 -8.91 -2.07
C ARG A 62 16.92 -7.90 -1.19
N GLN A 63 16.73 -8.25 0.08
CA GLN A 63 16.11 -7.33 1.00
C GLN A 63 16.87 -6.03 1.09
N LYS A 64 18.19 -6.09 0.91
CA LYS A 64 19.02 -4.90 0.96
C LYS A 64 18.72 -4.02 -0.29
N GLU A 65 18.59 -4.67 -1.46
CA GLU A 65 18.33 -3.94 -2.68
C GLU A 65 17.02 -3.17 -2.54
N VAL A 66 15.98 -3.89 -2.11
CA VAL A 66 14.66 -3.30 -1.95
C VAL A 66 14.67 -2.13 -0.99
N SER A 67 15.44 -2.28 0.08
CA SER A 67 15.57 -1.25 1.10
C SER A 67 16.16 0.02 0.47
N GLU A 68 17.30 -0.09 -0.21
CA GLU A 68 17.90 1.07 -0.84
C GLU A 68 16.88 1.75 -1.73
N GLU A 69 16.19 0.92 -2.51
CA GLU A 69 15.17 1.37 -3.45
C GLU A 69 13.92 1.86 -2.79
N ASN A 70 13.79 1.68 -1.48
CA ASN A 70 12.56 2.10 -0.84
C ASN A 70 12.73 3.00 0.32
N HIS A 71 13.81 3.76 0.32
CA HIS A 71 14.06 4.69 1.39
C HIS A 71 14.29 4.01 2.62
N ASN A 72 15.09 2.95 2.52
CA ASN A 72 15.49 2.13 3.65
C ASN A 72 14.32 1.52 4.41
N HIS A 73 13.34 1.06 3.64
CA HIS A 73 12.14 0.39 4.17
C HIS A 73 11.88 -0.84 3.27
N HIS A 74 12.26 -2.03 3.71
CA HIS A 74 12.01 -3.21 2.89
C HIS A 74 10.57 -3.65 3.03
N ASN A 75 9.89 -3.21 4.10
CA ASN A 75 8.48 -3.52 4.27
C ASN A 75 8.18 -5.04 4.32
N GLU A 76 8.68 -5.71 5.35
CA GLU A 76 8.44 -7.13 5.57
C GLU A 76 7.08 -7.42 6.25
N ARG A 77 6.43 -8.52 5.83
CA ARG A 77 5.14 -9.00 6.39
C ARG A 77 5.26 -10.55 6.47
N MET A 78 4.67 -11.15 7.50
CA MET A 78 4.66 -12.60 7.61
C MET A 78 3.35 -12.96 6.92
N LEU A 79 3.41 -13.83 5.91
CA LEU A 79 2.22 -14.20 5.15
C LEU A 79 2.20 -15.66 4.83
N PHE A 80 1.01 -16.20 4.56
CA PHE A 80 0.87 -17.62 4.24
C PHE A 80 0.98 -17.89 2.78
N HIS A 81 1.44 -19.09 2.44
CA HIS A 81 1.53 -19.51 1.05
C HIS A 81 1.03 -20.92 0.91
N GLY A 82 0.21 -21.15 -0.11
CA GLY A 82 -0.32 -22.46 -0.38
C GLY A 82 -0.20 -22.78 -1.87
N SER A 83 0.25 -23.99 -2.19
CA SER A 83 0.41 -24.42 -3.58
C SER A 83 0.83 -25.88 -3.56
N PRO A 84 0.75 -26.57 -4.71
CA PRO A 84 1.13 -27.99 -4.79
C PRO A 84 2.65 -28.26 -4.81
N PHE A 85 3.45 -27.21 -4.65
CA PHE A 85 4.90 -27.35 -4.73
C PHE A 85 5.68 -26.96 -3.47
N ILE A 86 5.05 -27.14 -2.32
CA ILE A 86 5.66 -26.82 -1.04
C ILE A 86 7.00 -27.51 -0.83
N ASN A 87 7.06 -28.82 -1.11
CA ASN A 87 8.30 -29.55 -0.91
C ASN A 87 9.46 -29.03 -1.78
N ALA A 88 9.16 -28.62 -3.00
CA ALA A 88 10.21 -28.09 -3.87
C ALA A 88 10.69 -26.76 -3.31
N ILE A 89 9.73 -25.94 -2.90
CA ILE A 89 10.01 -24.62 -2.33
C ILE A 89 10.95 -24.65 -1.09
N ILE A 90 10.69 -25.55 -0.15
CA ILE A 90 11.52 -25.61 1.05
C ILE A 90 12.91 -26.05 0.80
N HIS A 91 13.17 -26.64 -0.36
CA HIS A 91 14.51 -27.08 -0.66
C HIS A 91 15.24 -26.19 -1.61
N LYS A 92 14.52 -25.67 -2.60
CA LYS A 92 15.11 -24.82 -3.63
C LYS A 92 14.74 -23.34 -3.50
N GLY A 93 13.78 -23.04 -2.64
CA GLY A 93 13.35 -21.66 -2.49
C GLY A 93 12.25 -21.31 -3.48
N PHE A 94 11.61 -20.16 -3.30
CA PHE A 94 10.56 -19.73 -4.22
C PHE A 94 11.20 -19.42 -5.56
N ASP A 95 10.49 -19.70 -6.64
CA ASP A 95 11.01 -19.49 -7.99
C ASP A 95 9.91 -18.95 -8.88
N GLU A 96 10.07 -17.71 -9.35
CA GLU A 96 9.08 -17.09 -10.20
C GLU A 96 8.97 -17.73 -11.55
N ARG A 97 9.95 -18.54 -11.90
CA ARG A 97 9.94 -19.22 -13.19
C ARG A 97 8.89 -20.33 -13.22
N HIS A 98 8.50 -20.79 -12.04
CA HIS A 98 7.51 -21.86 -11.96
C HIS A 98 6.14 -21.32 -11.70
N ALA A 99 5.95 -20.02 -11.93
CA ALA A 99 4.63 -19.45 -11.70
C ALA A 99 3.63 -19.97 -12.73
N TYR A 100 2.35 -19.73 -12.47
CA TYR A 100 1.32 -20.18 -13.39
C TYR A 100 1.36 -19.33 -14.67
N MET A 104 -8.01 -13.70 -11.60
CA MET A 104 -7.28 -14.83 -12.16
C MET A 104 -5.85 -14.77 -11.63
N PHE A 105 -4.95 -15.52 -12.26
CA PHE A 105 -3.57 -15.52 -11.78
C PHE A 105 -2.55 -15.13 -12.76
N GLY A 106 -1.77 -14.13 -12.38
CA GLY A 106 -0.69 -13.63 -13.20
C GLY A 106 0.54 -14.49 -13.00
N ALA A 107 1.69 -13.91 -13.30
CA ALA A 107 2.97 -14.62 -13.21
C ALA A 107 3.70 -14.29 -11.98
N GLY A 108 3.03 -14.44 -10.85
CA GLY A 108 3.68 -14.14 -9.58
C GLY A 108 3.49 -15.24 -8.56
N ILE A 109 4.13 -15.06 -7.40
CA ILE A 109 4.03 -15.97 -6.27
C ILE A 109 3.07 -15.31 -5.32
N TYR A 110 1.93 -15.96 -5.07
CA TYR A 110 0.91 -15.40 -4.21
C TYR A 110 1.02 -15.76 -2.77
N PHE A 111 0.60 -14.82 -1.91
CA PHE A 111 0.62 -15.00 -0.47
C PHE A 111 -0.68 -14.38 0.08
N ALA A 112 -1.02 -14.70 1.32
CA ALA A 112 -2.24 -14.17 1.92
C ALA A 112 -2.04 -14.03 3.38
N GLU A 113 -2.76 -13.11 4.01
CA GLU A 113 -2.63 -12.99 5.44
C GLU A 113 -3.62 -13.92 6.13
N ASN A 114 -4.57 -14.45 5.37
CA ASN A 114 -5.56 -15.40 5.90
C ASN A 114 -5.23 -16.83 5.47
N SER A 115 -4.91 -17.70 6.43
CA SER A 115 -4.58 -19.09 6.16
C SER A 115 -5.58 -19.80 5.31
N SER A 116 -6.86 -19.54 5.54
CA SER A 116 -7.90 -20.21 4.77
C SER A 116 -7.86 -19.88 3.26
N LYS A 117 -7.31 -18.73 2.90
CA LYS A 117 -7.20 -18.37 1.49
C LYS A 117 -6.07 -19.24 0.88
N SER A 118 -4.94 -19.31 1.58
CA SER A 118 -3.80 -20.10 1.10
C SER A 118 -4.18 -21.64 1.03
N ASN A 119 -5.11 -22.06 1.89
CA ASN A 119 -5.56 -23.45 1.94
C ASN A 119 -6.31 -23.82 0.66
N GLN A 120 -6.90 -22.81 0.03
CA GLN A 120 -7.64 -23.03 -1.21
C GLN A 120 -6.70 -23.40 -2.35
N TYR A 121 -5.42 -23.08 -2.18
CA TYR A 121 -4.44 -23.34 -3.23
C TYR A 121 -3.60 -24.55 -3.07
N VAL A 122 -3.74 -25.20 -1.93
CA VAL A 122 -2.95 -26.39 -1.62
C VAL A 122 -3.00 -27.45 -2.70
N TYR A 123 -4.16 -27.67 -3.29
CA TYR A 123 -4.29 -28.65 -4.35
C TYR A 123 -4.40 -27.99 -5.71
N GLY A 124 -4.00 -26.73 -5.76
CA GLY A 124 -4.03 -26.00 -7.02
C GLY A 124 -5.08 -24.91 -7.13
N ILE A 125 -5.15 -24.30 -8.32
CA ILE A 125 -6.10 -23.25 -8.59
C ILE A 125 -7.52 -23.78 -8.34
N GLY A 126 -8.29 -23.01 -7.56
CA GLY A 126 -9.65 -23.42 -7.24
C GLY A 126 -9.72 -24.72 -6.46
N GLY A 127 -8.56 -25.21 -6.00
CA GLY A 127 -8.53 -26.46 -5.25
C GLY A 127 -8.27 -27.64 -6.19
N GLY A 128 -8.17 -27.34 -7.49
CA GLY A 128 -7.92 -28.40 -8.45
C GLY A 128 -8.96 -29.49 -8.36
N THR A 129 -8.51 -30.74 -8.39
CA THR A 129 -9.39 -31.90 -8.32
C THR A 129 -9.40 -32.46 -6.86
N GLY A 130 -8.77 -31.73 -5.94
CA GLY A 130 -8.69 -32.16 -4.56
C GLY A 130 -7.46 -33.01 -4.29
N CYS A 131 -7.44 -33.70 -3.15
CA CYS A 131 -6.31 -34.55 -2.78
C CYS A 131 -6.08 -35.60 -3.83
N PRO A 132 -4.82 -36.00 -4.02
CA PRO A 132 -4.46 -37.02 -5.01
C PRO A 132 -5.19 -38.38 -4.78
N THR A 133 -5.24 -38.85 -3.54
CA THR A 133 -5.88 -40.13 -3.25
C THR A 133 -7.40 -40.24 -3.36
N HIS A 134 -8.13 -39.25 -2.84
CA HIS A 134 -9.59 -39.34 -2.88
C HIS A 134 -10.23 -38.31 -3.80
N LYS A 135 -9.39 -37.51 -4.44
CA LYS A 135 -9.84 -36.45 -5.33
C LYS A 135 -10.98 -35.69 -4.73
N ASP A 136 -10.79 -35.33 -3.45
CA ASP A 136 -11.76 -34.60 -2.64
C ASP A 136 -11.11 -33.27 -2.19
N ARG A 137 -11.72 -32.13 -2.54
CA ARG A 137 -11.17 -30.85 -2.15
C ARG A 137 -11.43 -30.55 -0.67
N SER A 138 -12.36 -31.29 -0.07
CA SER A 138 -12.68 -31.11 1.33
C SER A 138 -12.21 -32.33 2.11
N CYS A 139 -11.10 -32.95 1.70
CA CYS A 139 -10.63 -34.14 2.41
C CYS A 139 -10.18 -33.80 3.80
N TYR A 140 -10.63 -34.63 4.75
CA TYR A 140 -10.31 -34.47 6.17
C TYR A 140 -9.25 -35.50 6.56
N ILE A 141 -8.91 -36.39 5.63
CA ILE A 141 -7.94 -37.44 5.88
C ILE A 141 -6.49 -37.04 5.56
N CYS A 142 -6.24 -36.71 4.29
CA CYS A 142 -4.91 -36.35 3.82
C CYS A 142 -4.31 -35.13 4.45
N HIS A 143 -3.02 -35.22 4.74
CA HIS A 143 -2.29 -34.12 5.35
C HIS A 143 -1.94 -33.07 4.32
N ARG A 144 -2.23 -31.82 4.65
CA ARG A 144 -1.92 -30.71 3.75
C ARG A 144 -0.72 -29.99 4.31
N GLN A 145 -0.10 -29.18 3.47
CA GLN A 145 1.05 -28.41 3.92
C GLN A 145 0.93 -26.97 3.42
N MET A 146 1.41 -26.02 4.20
CA MET A 146 1.39 -24.62 3.81
C MET A 146 2.54 -23.94 4.51
N LEU A 147 2.99 -22.82 3.96
CA LEU A 147 4.12 -22.11 4.54
C LEU A 147 3.75 -20.77 5.12
N PHE A 148 4.38 -20.43 6.24
CA PHE A 148 4.18 -19.13 6.88
C PHE A 148 5.53 -18.46 6.59
N CYS A 149 5.53 -17.50 5.67
CA CYS A 149 6.78 -16.86 5.21
C CYS A 149 7.11 -15.38 5.51
N ARG A 150 8.41 -15.06 5.43
CA ARG A 150 8.87 -13.68 5.54
C ARG A 150 8.78 -13.19 4.17
N VAL A 151 8.01 -12.14 3.94
CA VAL A 151 7.87 -11.62 2.58
C VAL A 151 8.28 -10.17 2.50
N THR A 152 9.27 -9.89 1.66
CA THR A 152 9.76 -8.53 1.46
C THR A 152 8.86 -7.84 0.40
N LEU A 153 7.99 -6.95 0.85
CA LEU A 153 7.06 -6.26 -0.06
C LEU A 153 7.61 -4.98 -0.63
N GLY A 154 8.53 -4.35 0.09
CA GLY A 154 9.09 -3.09 -0.36
C GLY A 154 7.94 -2.14 -0.68
N LYS A 155 8.02 -1.48 -1.82
CA LYS A 155 6.94 -0.56 -2.18
C LYS A 155 5.89 -1.32 -2.98
N SER A 156 4.71 -1.50 -2.37
CA SER A 156 3.62 -2.22 -3.02
C SER A 156 2.79 -1.36 -3.85
N PHE A 157 2.35 -1.92 -4.97
CA PHE A 157 1.46 -1.22 -5.87
C PHE A 157 0.09 -1.83 -5.64
N LEU A 158 -0.87 -1.03 -5.19
CA LEU A 158 -2.22 -1.51 -4.91
C LEU A 158 -3.17 -1.45 -6.15
N GLN A 159 -3.93 -2.53 -6.36
CA GLN A 159 -4.87 -2.61 -7.49
C GLN A 159 -5.99 -3.59 -7.29
N PHE A 160 -6.99 -3.56 -8.17
CA PHE A 160 -8.16 -4.44 -8.02
C PHE A 160 -8.11 -5.81 -8.70
N SER A 161 -7.09 -6.05 -9.52
CA SER A 161 -7.02 -7.34 -10.19
C SER A 161 -5.59 -7.63 -10.51
N THR A 162 -5.19 -8.88 -10.37
CA THR A 162 -3.79 -9.22 -10.64
C THR A 162 -3.53 -10.22 -11.74
N MET A 163 -4.59 -10.75 -12.33
CA MET A 163 -4.49 -11.74 -13.41
C MET A 163 -3.65 -11.23 -14.57
N LYS A 164 -3.65 -9.91 -14.69
CA LYS A 164 -2.94 -9.19 -15.75
C LYS A 164 -1.36 -9.17 -15.65
N MET A 165 -0.83 -8.92 -14.45
CA MET A 165 0.61 -8.79 -14.16
C MET A 165 1.63 -9.93 -14.36
N ALA A 166 2.84 -9.47 -14.71
CA ALA A 166 4.04 -10.29 -14.95
C ALA A 166 5.26 -9.72 -14.13
N HIS A 167 5.10 -8.48 -13.68
CA HIS A 167 6.11 -7.79 -12.91
C HIS A 167 5.53 -6.65 -12.20
N ALA A 168 6.21 -6.22 -11.14
CA ALA A 168 5.76 -5.08 -10.38
C ALA A 168 5.96 -3.83 -11.25
N PRO A 169 5.10 -2.82 -11.12
CA PRO A 169 5.28 -1.63 -11.93
C PRO A 169 6.59 -0.95 -11.54
N PRO A 170 7.04 0.03 -12.32
CA PRO A 170 8.28 0.75 -12.03
C PRO A 170 8.29 1.36 -10.65
N GLY A 171 9.41 1.23 -9.95
CA GLY A 171 9.54 1.79 -8.62
C GLY A 171 8.90 0.95 -7.52
N HIS A 172 8.20 -0.11 -7.90
CA HIS A 172 7.56 -0.98 -6.91
C HIS A 172 8.18 -2.35 -6.85
N HIS A 173 7.88 -3.08 -5.78
CA HIS A 173 8.46 -4.41 -5.58
C HIS A 173 7.48 -5.50 -5.31
N SER A 174 6.20 -5.13 -5.25
CA SER A 174 5.13 -6.09 -5.01
C SER A 174 3.83 -5.54 -5.44
N VAL A 175 2.85 -6.42 -5.62
CA VAL A 175 1.52 -6.00 -6.02
C VAL A 175 0.50 -6.55 -5.05
N ILE A 176 -0.38 -5.68 -4.56
CA ILE A 176 -1.42 -6.14 -3.66
C ILE A 176 -2.75 -6.00 -4.34
N GLY A 177 -3.39 -7.13 -4.62
CA GLY A 177 -4.70 -7.10 -5.23
C GLY A 177 -5.66 -6.94 -4.08
N ARG A 178 -6.55 -5.96 -4.15
CA ARG A 178 -7.49 -5.74 -3.06
C ARG A 178 -8.92 -5.99 -3.39
N PRO A 179 -9.79 -6.05 -2.38
CA PRO A 179 -11.24 -6.30 -2.52
C PRO A 179 -12.06 -5.34 -3.34
N SER A 180 -12.90 -5.90 -4.20
CA SER A 180 -13.82 -5.12 -5.02
C SER A 180 -15.15 -5.93 -4.95
N VAL A 181 -16.15 -5.56 -5.76
CA VAL A 181 -17.42 -6.26 -5.74
C VAL A 181 -17.88 -6.95 -6.99
N GLY A 183 -15.12 -8.98 -7.94
CA GLY A 183 -13.71 -8.86 -7.61
C GLY A 183 -13.38 -9.68 -6.37
N LEU A 184 -12.20 -9.43 -5.77
CA LEU A 184 -11.73 -10.16 -4.59
C LEU A 184 -12.48 -9.93 -3.24
N ALA A 185 -12.31 -10.90 -2.34
CA ALA A 185 -12.93 -10.88 -1.01
C ALA A 185 -11.90 -10.53 0.08
N TYR A 186 -10.64 -10.88 -0.17
CA TYR A 186 -9.57 -10.62 0.78
C TYR A 186 -8.34 -10.28 -0.03
N ALA A 187 -7.38 -9.62 0.60
CA ALA A 187 -6.15 -9.23 -0.06
C ALA A 187 -5.26 -10.38 -0.43
N GLU A 188 -4.57 -10.23 -1.56
CA GLU A 188 -3.63 -11.23 -2.02
C GLU A 188 -2.33 -10.45 -2.28
N TYR A 189 -1.22 -10.94 -1.76
CA TYR A 189 0.07 -10.29 -1.96
C TYR A 189 0.84 -11.04 -2.99
N VAL A 190 1.44 -10.32 -3.93
CA VAL A 190 2.20 -10.96 -5.01
C VAL A 190 3.57 -10.43 -5.20
N ILE A 191 4.53 -11.33 -5.36
CA ILE A 191 5.90 -10.93 -5.61
C ILE A 191 6.28 -11.58 -6.91
N TYR A 192 7.26 -11.02 -7.61
CA TYR A 192 7.67 -11.56 -8.89
C TYR A 192 9.10 -12.00 -8.93
N ARG A 193 9.69 -12.15 -7.74
CA ARG A 193 11.05 -12.63 -7.57
C ARG A 193 11.04 -13.58 -6.39
N GLY A 194 11.41 -14.82 -6.64
CA GLY A 194 11.41 -15.81 -5.58
C GLY A 194 12.23 -15.45 -4.37
N GLU A 195 13.28 -14.65 -4.56
CA GLU A 195 14.16 -14.26 -3.47
C GLU A 195 13.57 -13.22 -2.49
N GLN A 196 12.38 -12.71 -2.76
CA GLN A 196 11.75 -11.75 -1.85
C GLN A 196 10.89 -12.45 -0.82
N ALA A 197 11.03 -13.77 -0.73
CA ALA A 197 10.27 -14.52 0.25
C ALA A 197 11.08 -15.68 0.77
N TYR A 198 11.05 -15.87 2.09
CA TYR A 198 11.76 -16.96 2.74
C TYR A 198 10.72 -17.87 3.44
N PRO A 199 10.75 -19.17 3.17
CA PRO A 199 9.82 -20.15 3.76
C PRO A 199 10.22 -20.46 5.21
N GLU A 200 9.88 -19.54 6.11
CA GLU A 200 10.19 -19.64 7.53
C GLU A 200 9.67 -20.88 8.23
N TYR A 201 8.37 -21.13 8.07
CA TYR A 201 7.75 -22.26 8.75
C TYR A 201 6.97 -23.18 7.80
N LEU A 202 7.11 -24.49 8.03
CA LEU A 202 6.41 -25.48 7.24
C LEU A 202 5.35 -26.07 8.15
N ILE A 203 4.09 -25.88 7.80
CA ILE A 203 2.99 -26.38 8.61
C ILE A 203 2.31 -27.56 8.01
N THR A 204 2.27 -28.66 8.75
CA THR A 204 1.61 -29.87 8.29
C THR A 204 0.27 -29.90 9.03
N TYR A 205 -0.82 -30.09 8.29
CA TYR A 205 -2.13 -30.06 8.94
C TYR A 205 -3.26 -30.70 8.15
N GLN A 206 -4.42 -30.75 8.79
CA GLN A 206 -5.64 -31.26 8.17
C GLN A 206 -6.72 -30.26 8.50
N ILE A 207 -7.68 -30.11 7.60
CA ILE A 207 -8.81 -29.24 7.89
C ILE A 207 -9.71 -30.19 8.69
N MET A 208 -10.39 -29.68 9.72
CA MET A 208 -11.28 -30.53 10.51
C MET A 208 -12.78 -30.35 10.17
N LYS A 209 -13.49 -31.47 10.13
CA LYS A 209 -14.91 -31.45 9.87
C LYS A 209 -15.60 -30.63 11.00
N PRO A 210 -16.68 -29.92 10.65
CA PRO A 210 -17.44 -29.13 11.63
C PRO A 210 -18.04 -30.17 12.66
N GLU A 211 -17.86 -29.91 13.95
CA GLU A 211 -18.37 -30.81 14.99
C GLU A 211 -19.81 -30.49 15.27
N GLN B 1 5.64 31.28 18.77
CA GLN B 1 4.30 30.62 18.87
C GLN B 1 3.72 30.35 17.53
N GLY B 2 4.15 31.11 16.53
CA GLY B 2 3.58 30.94 15.21
C GLY B 2 4.40 30.20 14.17
N THR B 3 3.90 30.24 12.94
CA THR B 3 4.56 29.60 11.81
C THR B 3 5.59 30.55 11.27
N ILE B 4 6.72 30.00 10.82
CA ILE B 4 7.76 30.81 10.23
C ILE B 4 7.98 30.28 8.85
N LEU B 5 7.99 31.16 7.86
CA LEU B 5 8.22 30.73 6.50
C LEU B 5 9.67 31.03 6.18
N LEU B 6 10.41 30.00 5.77
CA LEU B 6 11.81 30.15 5.43
C LEU B 6 11.96 30.05 3.90
N ASP B 7 12.48 31.11 3.29
CA ASP B 7 12.65 31.16 1.85
C ASP B 7 13.79 30.32 1.37
N LEU B 8 13.52 29.44 0.40
CA LEU B 8 14.58 28.60 -0.15
C LEU B 8 15.21 29.30 -1.36
N ALA B 9 16.54 29.30 -1.43
CA ALA B 9 17.23 29.93 -2.56
C ALA B 9 17.09 29.06 -3.77
N PRO B 10 16.95 29.66 -4.97
CA PRO B 10 16.82 28.92 -6.23
C PRO B 10 18.02 28.00 -6.54
N GLU B 11 19.18 28.39 -6.03
CA GLU B 11 20.40 27.61 -6.25
C GLU B 11 20.51 26.56 -5.17
N ASP B 12 19.52 26.55 -4.27
CA ASP B 12 19.44 25.60 -3.15
C ASP B 12 18.92 24.26 -3.68
N LYS B 13 19.67 23.18 -3.48
CA LYS B 13 19.27 21.84 -3.94
C LYS B 13 17.80 21.42 -3.57
N GLU B 14 17.39 21.76 -2.35
CA GLU B 14 16.05 21.44 -1.84
C GLU B 14 15.00 22.19 -2.68
N TYR B 15 15.29 23.44 -3.00
CA TYR B 15 14.41 24.27 -3.82
C TYR B 15 14.27 23.59 -5.13
N GLN B 16 15.39 23.20 -5.72
CA GLN B 16 15.41 22.54 -7.01
C GLN B 16 14.66 21.22 -7.03
N SER B 17 14.83 20.44 -5.98
CA SER B 17 14.16 19.14 -5.90
C SER B 17 12.61 19.35 -5.88
N VAL B 18 12.16 20.34 -5.12
CA VAL B 18 10.74 20.64 -5.00
C VAL B 18 10.17 21.10 -6.32
N GLU B 19 10.89 21.97 -7.04
CA GLU B 19 10.36 22.43 -8.32
C GLU B 19 10.30 21.33 -9.37
N GLU B 20 11.33 20.50 -9.49
CA GLU B 20 11.33 19.42 -10.49
C GLU B 20 10.11 18.45 -10.25
N GLU B 21 9.80 18.14 -9.00
CA GLU B 21 8.67 17.24 -8.73
C GLU B 21 7.42 17.88 -9.13
N MET B 22 7.34 19.19 -8.98
CA MET B 22 6.13 19.90 -9.35
C MET B 22 6.03 19.98 -10.88
N GLN B 23 7.12 20.40 -11.53
CA GLN B 23 7.12 20.53 -12.98
C GLN B 23 6.96 19.15 -13.68
N SER B 24 7.62 18.13 -13.15
CA SER B 24 7.58 16.81 -13.76
C SER B 24 6.30 16.05 -13.58
N THR B 25 5.49 16.40 -12.59
CA THR B 25 4.23 15.68 -12.40
C THR B 25 3.04 16.34 -13.04
N ILE B 26 3.28 17.14 -14.07
CA ILE B 26 2.19 17.78 -14.78
C ILE B 26 1.79 16.77 -15.73
N ARG B 27 0.51 16.58 -15.95
CA ARG B 27 0.08 15.61 -16.95
C ARG B 27 -1.13 16.11 -17.66
N GLU B 28 -1.40 15.53 -18.82
CA GLU B 28 -2.58 15.86 -19.64
C GLU B 28 -3.88 15.28 -18.88
N HIS B 29 -4.76 16.16 -18.42
CA HIS B 29 -5.94 15.72 -17.69
C HIS B 29 -7.14 15.56 -18.58
N ARG B 30 -8.23 15.03 -18.04
CA ARG B 30 -9.39 14.78 -18.89
C ARG B 30 -10.28 15.86 -19.26
N ASP B 31 -10.36 16.90 -18.43
CA ASP B 31 -11.27 18.00 -18.76
C ASP B 31 -10.66 18.92 -19.79
N GLY B 32 -9.43 18.58 -20.16
CA GLY B 32 -8.66 19.35 -21.12
C GLY B 32 -8.24 20.74 -20.65
N GLY B 33 -8.16 20.93 -19.34
CA GLY B 33 -7.80 22.23 -18.80
C GLY B 33 -8.94 23.10 -18.27
N ASN B 34 -10.18 22.66 -18.41
CA ASN B 34 -11.30 23.46 -17.92
C ASN B 34 -11.20 23.78 -16.41
N ALA B 35 -10.68 22.85 -15.62
CA ALA B 35 -10.58 23.06 -14.16
C ALA B 35 -9.36 23.82 -13.69
N GLY B 36 -8.20 23.38 -14.17
CA GLY B 36 -6.95 24.00 -13.74
C GLY B 36 -6.31 24.95 -14.74
N GLY B 37 -6.85 25.02 -15.94
CA GLY B 37 -6.29 25.91 -16.94
C GLY B 37 -5.43 25.16 -17.92
N ILE B 38 -5.09 25.85 -19.02
CA ILE B 38 -4.28 25.27 -20.09
C ILE B 38 -2.84 25.79 -19.95
N PHE B 39 -1.90 24.87 -19.81
CA PHE B 39 -0.51 25.21 -19.66
C PHE B 39 0.33 23.96 -19.81
N ASN B 40 1.64 24.15 -19.95
CA ASN B 40 2.57 23.04 -20.08
C ASN B 40 3.55 23.09 -19.03
N ARG B 41 3.64 24.24 -18.36
CA ARG B 41 4.60 24.38 -17.26
C ARG B 41 4.20 25.49 -16.31
N TYR B 42 4.89 25.54 -15.19
CA TYR B 42 4.63 26.55 -14.19
C TYR B 42 5.76 27.53 -14.10
N ASN B 43 5.44 28.69 -13.54
CA ASN B 43 6.46 29.69 -13.28
C ASN B 43 6.49 29.70 -11.78
N VAL B 44 7.43 28.97 -11.20
CA VAL B 44 7.58 28.89 -9.75
C VAL B 44 8.24 30.15 -9.31
N ILE B 45 7.55 30.97 -8.53
CA ILE B 45 8.14 32.25 -8.09
C ILE B 45 8.57 32.32 -6.63
N ARG B 46 8.30 31.27 -5.85
CA ARG B 46 8.70 31.26 -4.45
C ARG B 46 8.41 29.95 -3.81
N ILE B 47 9.36 29.46 -3.03
CA ILE B 47 9.20 28.21 -2.32
C ILE B 47 9.68 28.42 -0.93
N GLN B 48 8.77 28.26 0.03
CA GLN B 48 9.08 28.46 1.42
C GLN B 48 8.89 27.23 2.26
N LYS B 49 9.77 27.05 3.23
CA LYS B 49 9.69 25.94 4.18
C LYS B 49 8.75 26.40 5.29
N VAL B 50 7.77 25.58 5.67
CA VAL B 50 6.85 25.97 6.73
C VAL B 50 7.33 25.40 8.04
N VAL B 51 7.49 26.27 9.04
CA VAL B 51 7.97 25.83 10.34
C VAL B 51 7.02 26.17 11.44
N ASN B 52 6.48 25.13 12.07
CA ASN B 52 5.58 25.31 13.20
C ASN B 52 5.86 24.15 14.12
N LYS B 53 6.51 24.43 15.23
CA LYS B 53 6.87 23.40 16.19
C LYS B 53 5.68 22.62 16.73
N LYS B 54 4.63 23.33 17.10
CA LYS B 54 3.43 22.68 17.64
C LYS B 54 2.85 21.66 16.64
N LEU B 55 2.73 22.07 15.38
CA LEU B 55 2.17 21.23 14.32
C LEU B 55 3.01 20.08 13.97
N ARG B 56 4.33 20.20 14.10
CA ARG B 56 5.16 19.04 13.77
C ARG B 56 5.05 18.03 14.91
N GLU B 57 4.82 18.50 16.13
CA GLU B 57 4.66 17.63 17.29
C GLU B 57 3.46 16.73 17.09
N ARG B 58 2.31 17.34 16.83
CA ARG B 58 1.07 16.59 16.61
C ARG B 58 1.29 15.61 15.47
N PHE B 59 1.92 16.09 14.40
CA PHE B 59 2.20 15.26 13.23
C PHE B 59 2.99 14.08 13.61
N CYS B 60 4.05 14.30 14.38
CA CYS B 60 4.91 13.20 14.79
C CYS B 60 4.27 12.28 15.82
N HIS B 61 3.32 12.79 16.59
CA HIS B 61 2.65 11.97 17.59
C HIS B 61 1.70 11.04 16.88
N ARG B 62 0.98 11.58 15.91
CA ARG B 62 0.04 10.78 15.14
C ARG B 62 0.76 9.75 14.33
N GLN B 63 1.92 10.11 13.79
CA GLN B 63 2.68 9.19 12.95
C GLN B 63 3.09 7.94 13.70
N LYS B 64 3.55 8.13 14.93
CA LYS B 64 3.97 7.03 15.80
C LYS B 64 2.72 6.11 16.03
N GLU B 65 1.56 6.72 16.30
CA GLU B 65 0.30 5.99 16.51
C GLU B 65 0.02 5.14 15.30
N VAL B 66 0.27 5.69 14.10
CA VAL B 66 0.00 4.95 12.88
C VAL B 66 0.97 3.82 12.66
N SER B 67 2.24 4.03 13.01
CA SER B 67 3.22 2.96 12.85
C SER B 67 2.76 1.78 13.69
N GLU B 68 2.35 2.06 14.93
CA GLU B 68 1.89 1.02 15.87
C GLU B 68 0.80 0.15 15.31
N GLU B 69 -0.19 0.77 14.68
CA GLU B 69 -1.31 0.05 14.14
C GLU B 69 -1.04 -0.59 12.77
N ASN B 70 0.12 -0.32 12.18
CA ASN B 70 0.36 -0.85 10.82
C ASN B 70 1.69 -1.55 10.68
N HIS B 71 1.87 -2.64 11.42
CA HIS B 71 3.12 -3.40 11.39
C HIS B 71 4.38 -2.55 11.38
N ASN B 72 4.34 -1.43 12.10
CA ASN B 72 5.49 -0.53 12.18
C ASN B 72 5.86 0.13 10.86
N HIS B 73 4.84 0.42 10.05
CA HIS B 73 5.03 1.08 8.76
C HIS B 73 4.13 2.32 8.72
N HIS B 74 4.67 3.51 8.99
CA HIS B 74 3.84 4.71 8.96
C HIS B 74 3.51 5.08 7.52
N ASN B 75 4.34 4.59 6.60
CA ASN B 75 4.14 4.81 5.17
C ASN B 75 3.90 6.30 4.76
N GLU B 76 4.91 7.13 5.00
CA GLU B 76 4.85 8.54 4.68
C GLU B 76 5.16 8.82 3.21
N ARG B 77 4.40 9.71 2.61
CA ARG B 77 4.64 10.08 1.21
C ARG B 77 4.55 11.58 1.04
N MET B 78 5.33 12.10 0.10
CA MET B 78 5.29 13.53 -0.21
C MET B 78 4.25 13.70 -1.31
N LEU B 79 3.19 14.45 -0.98
CA LEU B 79 2.09 14.69 -1.92
C LEU B 79 1.70 16.15 -2.00
N PHE B 80 1.15 16.55 -3.14
CA PHE B 80 0.73 17.93 -3.32
C PHE B 80 -0.69 18.13 -2.79
N HIS B 81 -1.01 19.36 -2.42
CA HIS B 81 -2.35 19.71 -1.95
C HIS B 81 -2.73 21.07 -2.46
N GLY B 82 -3.96 21.17 -2.96
CA GLY B 82 -4.44 22.43 -3.48
C GLY B 82 -5.83 22.69 -2.94
N SER B 83 -6.07 23.90 -2.47
CA SER B 83 -7.37 24.31 -1.96
C SER B 83 -7.32 25.80 -1.68
N PRO B 84 -8.50 26.43 -1.59
CA PRO B 84 -8.59 27.88 -1.32
C PRO B 84 -8.26 28.26 0.11
N PHE B 85 -7.78 27.30 0.90
CA PHE B 85 -7.51 27.57 2.30
C PHE B 85 -6.05 27.41 2.73
N ILE B 86 -5.14 27.53 1.78
CA ILE B 86 -3.72 27.36 2.08
C ILE B 86 -3.21 28.18 3.22
N ASN B 87 -3.56 29.46 3.28
CA ASN B 87 -3.06 30.32 4.36
C ASN B 87 -3.49 29.86 5.69
N ALA B 88 -4.75 29.45 5.78
CA ALA B 88 -5.28 28.97 7.03
C ALA B 88 -4.47 27.73 7.44
N ILE B 89 -4.30 26.80 6.50
CA ILE B 89 -3.57 25.57 6.76
C ILE B 89 -2.10 25.75 7.28
N ILE B 90 -1.34 26.67 6.69
CA ILE B 90 0.04 26.85 7.13
C ILE B 90 0.19 27.45 8.54
N HIS B 91 -0.89 28.00 9.07
CA HIS B 91 -0.85 28.57 10.42
C HIS B 91 -1.54 27.68 11.43
N LYS B 92 -2.67 27.10 11.03
CA LYS B 92 -3.44 26.26 11.92
C LYS B 92 -3.30 24.79 11.66
N GLY B 93 -2.70 24.45 10.52
CA GLY B 93 -2.51 23.05 10.17
C GLY B 93 -3.77 22.55 9.48
N PHE B 94 -3.71 21.35 8.91
CA PHE B 94 -4.87 20.77 8.25
C PHE B 94 -5.87 20.43 9.32
N ASP B 95 -7.16 20.58 8.99
CA ASP B 95 -8.26 20.31 9.91
C ASP B 95 -9.45 19.62 9.18
N GLU B 96 -9.71 18.36 9.53
CA GLU B 96 -10.78 17.58 8.93
C GLU B 96 -12.19 18.21 9.12
N ARG B 97 -12.31 19.08 10.14
CA ARG B 97 -13.58 19.73 10.40
C ARG B 97 -13.94 20.75 9.36
N HIS B 98 -12.97 21.12 8.52
CA HIS B 98 -13.22 22.11 7.46
C HIS B 98 -13.35 21.45 6.11
N ALA B 99 -13.46 20.12 6.11
CA ALA B 99 -13.62 19.35 4.90
C ALA B 99 -15.10 19.40 4.62
N TYR B 100 -15.47 19.59 3.36
CA TYR B 100 -16.88 19.68 2.97
C TYR B 100 -17.17 18.88 1.75
N ILE B 101 -18.45 18.67 1.44
CA ILE B 101 -18.81 17.93 0.23
C ILE B 101 -19.17 18.95 -0.88
N GLY B 106 -14.47 11.52 0.17
CA GLY B 106 -15.65 12.25 0.57
C GLY B 106 -15.31 13.60 1.20
N ALA B 107 -15.45 13.70 2.53
CA ALA B 107 -15.13 14.92 3.25
C ALA B 107 -13.84 14.72 3.97
N GLY B 108 -12.76 14.66 3.19
CA GLY B 108 -11.44 14.51 3.75
C GLY B 108 -10.50 15.57 3.18
N ILE B 109 -9.20 15.37 3.37
CA ILE B 109 -8.25 16.33 2.85
C ILE B 109 -7.64 15.60 1.68
N TYR B 110 -7.71 16.20 0.50
CA TYR B 110 -7.21 15.57 -0.72
C TYR B 110 -5.78 15.89 -1.04
N PHE B 111 -5.06 14.89 -1.54
CA PHE B 111 -3.67 15.05 -1.92
C PHE B 111 -3.46 14.29 -3.21
N ALA B 112 -2.45 14.66 -3.96
CA ALA B 112 -2.16 13.99 -5.23
C ALA B 112 -0.69 13.91 -5.50
N GLU B 113 -0.29 12.93 -6.30
CA GLU B 113 1.11 12.82 -6.65
C GLU B 113 1.44 13.74 -7.82
N ASN B 114 0.41 14.15 -8.56
CA ASN B 114 0.61 15.07 -9.69
C ASN B 114 0.19 16.42 -9.30
N SER B 115 1.12 17.37 -9.43
CA SER B 115 0.82 18.75 -9.08
C SER B 115 -0.34 19.31 -9.89
N SER B 116 -0.45 18.88 -11.15
CA SER B 116 -1.51 19.36 -12.02
C SER B 116 -2.93 19.00 -11.52
N LYS B 117 -3.03 17.93 -10.73
CA LYS B 117 -4.33 17.56 -10.18
C LYS B 117 -4.67 18.54 -9.03
N SER B 118 -3.70 18.76 -8.13
CA SER B 118 -3.90 19.67 -7.02
C SER B 118 -4.22 21.07 -7.53
N ASN B 119 -3.59 21.44 -8.63
CA ASN B 119 -3.80 22.76 -9.24
C ASN B 119 -5.31 22.96 -9.65
N GLN B 120 -6.01 21.85 -9.89
CA GLN B 120 -7.41 21.87 -10.25
C GLN B 120 -8.26 22.27 -9.03
N TYR B 121 -7.67 22.21 -7.84
CA TYR B 121 -8.39 22.52 -6.61
C TYR B 121 -8.11 23.84 -5.98
N VAL B 122 -7.13 24.56 -6.52
CA VAL B 122 -6.75 25.85 -5.97
C VAL B 122 -7.91 26.79 -5.73
N TYR B 123 -8.81 26.87 -6.71
CA TYR B 123 -9.97 27.75 -6.59
C TYR B 123 -11.26 27.00 -6.27
N GLY B 124 -11.12 25.82 -5.67
CA GLY B 124 -12.29 25.04 -5.31
C GLY B 124 -12.58 23.86 -6.22
N ILE B 125 -13.70 23.20 -5.94
CA ILE B 125 -14.13 22.04 -6.69
C ILE B 125 -14.31 22.35 -8.17
N GLY B 126 -13.60 21.61 -9.00
CA GLY B 126 -13.68 21.82 -10.43
C GLY B 126 -13.06 23.14 -10.88
N GLY B 127 -12.50 23.90 -9.94
CA GLY B 127 -11.90 25.17 -10.29
C GLY B 127 -12.78 26.34 -9.91
N GLY B 128 -13.84 26.04 -9.16
CA GLY B 128 -14.77 27.08 -8.72
C GLY B 128 -15.08 28.12 -9.78
N THR B 129 -15.00 29.38 -9.41
CA THR B 129 -15.28 30.45 -10.35
C THR B 129 -13.98 31.14 -10.81
N GLY B 130 -12.86 30.40 -10.75
CA GLY B 130 -11.57 30.93 -11.17
C GLY B 130 -10.94 31.90 -10.18
N CYS B 131 -9.95 32.66 -10.63
CA CYS B 131 -9.30 33.64 -9.76
C CYS B 131 -10.37 34.61 -9.32
N PRO B 132 -10.28 35.12 -8.08
CA PRO B 132 -11.25 36.07 -7.53
C PRO B 132 -11.28 37.39 -8.34
N THR B 133 -10.12 37.86 -8.76
CA THR B 133 -10.02 39.11 -9.50
C THR B 133 -10.51 39.08 -10.94
N HIS B 134 -10.20 38.01 -11.66
CA HIS B 134 -10.60 37.92 -13.07
C HIS B 134 -11.62 36.78 -13.34
N LYS B 135 -12.13 36.16 -12.28
CA LYS B 135 -13.09 35.06 -12.40
C LYS B 135 -12.66 34.12 -13.57
N ASP B 136 -11.36 33.83 -13.64
CA ASP B 136 -10.80 32.97 -14.71
C ASP B 136 -10.06 31.73 -14.16
N ARG B 137 -10.41 30.55 -14.69
CA ARG B 137 -9.77 29.31 -14.26
C ARG B 137 -8.42 29.04 -14.93
N SER B 138 -8.12 29.78 -15.99
CA SER B 138 -6.84 29.63 -16.66
C SER B 138 -6.07 30.96 -16.58
N CYS B 139 -6.22 31.66 -15.47
CA CYS B 139 -5.53 32.94 -15.29
C CYS B 139 -4.03 32.75 -15.28
N TYR B 140 -3.33 33.61 -16.01
CA TYR B 140 -1.87 33.55 -16.08
C TYR B 140 -1.25 34.68 -15.28
N ILE B 141 -2.11 35.56 -14.77
CA ILE B 141 -1.70 36.72 -14.01
C ILE B 141 -1.61 36.48 -12.51
N CYS B 142 -2.72 36.03 -11.93
CA CYS B 142 -2.78 35.80 -10.50
C CYS B 142 -1.90 34.67 -10.00
N HIS B 143 -1.22 34.93 -8.89
CA HIS B 143 -0.32 33.95 -8.28
C HIS B 143 -1.10 32.89 -7.53
N ARG B 144 -0.74 31.64 -7.74
CA ARG B 144 -1.38 30.52 -7.08
C ARG B 144 -0.48 29.95 -6.07
N GLN B 145 -1.06 29.22 -5.12
CA GLN B 145 -0.31 28.58 -4.06
C GLN B 145 -0.70 27.16 -3.91
N MET B 146 0.28 26.29 -3.67
CA MET B 146 -0.01 24.89 -3.40
C MET B 146 1.02 24.42 -2.41
N LEU B 147 0.70 23.35 -1.71
CA LEU B 147 1.58 22.80 -0.69
C LEU B 147 2.13 21.42 -1.09
N PHE B 148 3.39 21.17 -0.75
CA PHE B 148 4.02 19.87 -1.03
C PHE B 148 4.15 19.39 0.39
N CYS B 149 3.39 18.37 0.73
CA CYS B 149 3.35 17.90 2.12
C CYS B 149 3.79 16.50 2.47
N ARG B 150 4.07 16.29 3.75
CA ARG B 150 4.43 14.99 4.29
C ARG B 150 3.09 14.46 4.66
N VAL B 151 2.72 13.30 4.12
CA VAL B 151 1.43 12.73 4.45
C VAL B 151 1.59 11.35 5.00
N THR B 152 1.10 11.16 6.22
CA THR B 152 1.16 9.84 6.85
C THR B 152 -0.01 9.01 6.30
N LEU B 153 0.30 8.05 5.43
CA LEU B 153 -0.72 7.22 4.81
C LEU B 153 -1.09 5.94 5.52
N GLY B 154 -0.18 5.37 6.31
CA GLY B 154 -0.50 4.13 6.98
C GLY B 154 -1.00 3.13 5.97
N LYS B 155 -2.04 2.38 6.29
CA LYS B 155 -2.58 1.41 5.34
C LYS B 155 -3.70 2.12 4.55
N SER B 156 -3.56 2.17 3.24
CA SER B 156 -4.55 2.84 2.38
C SER B 156 -5.64 1.95 1.94
N PHE B 157 -6.85 2.48 1.94
CA PHE B 157 -8.01 1.72 1.47
C PHE B 157 -8.19 2.11 -0.03
N LEU B 158 -8.15 1.12 -0.91
CA LEU B 158 -8.37 1.36 -2.33
C LEU B 158 -9.89 1.41 -2.64
N GLN B 159 -10.51 2.59 -2.81
CA GLN B 159 -11.94 2.54 -3.08
C GLN B 159 -12.35 2.08 -4.48
N PHE B 160 -13.35 1.19 -4.59
CA PHE B 160 -13.79 0.71 -5.90
C PHE B 160 -15.14 1.18 -6.14
N SER B 161 -15.91 1.21 -5.07
CA SER B 161 -17.29 1.61 -5.14
C SER B 161 -17.46 3.07 -5.31
N THR B 162 -18.72 3.49 -5.30
CA THR B 162 -19.09 4.88 -5.48
C THR B 162 -19.02 5.69 -4.19
N MET B 163 -19.53 5.09 -3.11
CA MET B 163 -19.61 5.72 -1.79
C MET B 163 -18.57 6.75 -1.36
N LYS B 164 -18.99 7.67 -0.49
CA LYS B 164 -18.09 8.70 0.04
C LYS B 164 -17.91 8.24 1.41
N MET B 165 -16.81 8.63 2.06
CA MET B 165 -16.56 8.16 3.43
C MET B 165 -16.30 9.31 4.41
N ALA B 166 -16.51 9.07 5.70
CA ALA B 166 -16.28 10.10 6.71
C ALA B 166 -15.01 9.87 7.44
N HIS B 167 -14.47 8.66 7.31
CA HIS B 167 -13.24 8.27 7.96
C HIS B 167 -12.69 7.13 7.19
N ALA B 168 -11.47 6.73 7.52
CA ALA B 168 -10.85 5.60 6.84
C ALA B 168 -11.52 4.32 7.35
N PRO B 169 -11.61 3.29 6.51
CA PRO B 169 -12.26 2.04 6.96
C PRO B 169 -11.44 1.42 8.09
N PRO B 170 -12.03 0.46 8.82
CA PRO B 170 -11.33 -0.20 9.93
C PRO B 170 -10.01 -0.75 9.45
N GLY B 171 -8.97 -0.61 10.25
CA GLY B 171 -7.67 -1.13 9.87
C GLY B 171 -6.92 -0.33 8.82
N HIS B 172 -7.50 0.78 8.37
CA HIS B 172 -6.85 1.63 7.37
C HIS B 172 -6.66 3.06 7.92
N HIS B 173 -5.78 3.83 7.27
CA HIS B 173 -5.51 5.18 7.73
C HIS B 173 -5.62 6.23 6.65
N SER B 174 -5.98 5.80 5.44
CA SER B 174 -6.13 6.69 4.32
C SER B 174 -6.85 6.01 3.22
N VAL B 175 -7.25 6.78 2.22
CA VAL B 175 -7.95 6.23 1.07
C VAL B 175 -7.26 6.67 -0.23
N ILE B 176 -7.15 5.75 -1.18
CA ILE B 176 -6.55 6.04 -2.47
C ILE B 176 -7.59 5.88 -3.52
N GLY B 177 -7.51 6.73 -4.54
CA GLY B 177 -8.45 6.67 -5.65
C GLY B 177 -7.72 6.55 -6.96
N ARG B 178 -7.72 5.34 -7.54
CA ARG B 178 -7.07 5.04 -8.82
C ARG B 178 -5.63 5.50 -8.93
N TYR B 186 -2.82 8.52 -12.41
CA TYR B 186 -2.09 8.74 -11.16
C TYR B 186 -3.09 8.83 -9.97
N ALA B 187 -2.57 8.64 -8.76
CA ALA B 187 -3.38 8.67 -7.57
C ALA B 187 -3.74 9.92 -6.95
N GLU B 188 -4.85 9.83 -6.21
CA GLU B 188 -5.41 10.88 -5.37
C GLU B 188 -5.51 10.19 -4.00
N TYR B 189 -4.91 10.81 -2.99
CA TYR B 189 -4.91 10.26 -1.65
C TYR B 189 -5.75 11.09 -0.72
N VAL B 190 -6.50 10.41 0.15
CA VAL B 190 -7.38 11.11 1.08
C VAL B 190 -7.14 10.67 2.51
N ILE B 191 -7.06 11.64 3.43
CA ILE B 191 -6.89 11.35 4.85
C ILE B 191 -8.03 12.04 5.57
N TYR B 192 -8.41 11.53 6.74
CA TYR B 192 -9.52 12.08 7.48
C TYR B 192 -9.14 12.64 8.86
N ARG B 193 -7.85 12.85 9.04
CA ARG B 193 -7.32 13.42 10.28
C ARG B 193 -6.29 14.42 9.90
N GLY B 194 -6.53 15.68 10.25
CA GLY B 194 -5.60 16.74 9.93
C GLY B 194 -4.15 16.47 10.32
N GLU B 195 -3.93 15.80 11.45
CA GLU B 195 -2.57 15.52 11.91
C GLU B 195 -1.81 14.56 11.06
N GLN B 196 -2.45 13.95 10.08
CA GLN B 196 -1.73 13.01 9.22
C GLN B 196 -1.04 13.68 8.04
N ALA B 197 -0.92 15.01 8.10
CA ALA B 197 -0.26 15.74 7.05
C ALA B 197 0.43 16.96 7.57
N TYR B 198 1.62 17.22 7.06
CA TYR B 198 2.38 18.39 7.48
C TYR B 198 2.72 19.20 6.24
N PRO B 199 2.28 20.47 6.19
CA PRO B 199 2.53 21.37 5.06
C PRO B 199 3.97 21.83 5.01
N GLU B 200 4.85 20.95 4.57
CA GLU B 200 6.29 21.20 4.50
C GLU B 200 6.73 22.40 3.63
N TYR B 201 6.21 22.48 2.41
CA TYR B 201 6.59 23.54 1.49
C TYR B 201 5.43 24.33 0.93
N LEU B 202 5.58 25.66 0.92
CA LEU B 202 4.57 26.54 0.37
C LEU B 202 5.09 27.02 -0.97
N ILE B 203 4.41 26.61 -2.03
CA ILE B 203 4.83 26.98 -3.38
C ILE B 203 3.95 28.04 -3.97
N THR B 204 4.57 29.15 -4.36
CA THR B 204 3.83 30.25 -4.98
C THR B 204 4.20 30.20 -6.42
N TYR B 205 3.20 30.16 -7.30
CA TYR B 205 3.45 30.03 -8.72
C TYR B 205 2.35 30.56 -9.61
N GLN B 206 2.58 30.37 -10.90
CA GLN B 206 1.65 30.75 -11.96
C GLN B 206 1.72 29.68 -13.01
N ILE B 207 0.60 29.43 -13.67
CA ILE B 207 0.61 28.49 -14.77
C ILE B 207 1.00 29.42 -15.97
N MET B 208 1.81 28.91 -16.88
CA MET B 208 2.25 29.68 -18.04
C MET B 208 1.49 29.32 -19.31
N LYS B 209 1.25 30.33 -20.13
CA LYS B 209 0.55 30.12 -21.37
C LYS B 209 1.42 29.22 -22.34
N PRO B 210 0.77 28.36 -23.14
CA PRO B 210 1.48 27.49 -24.08
C PRO B 210 2.07 28.42 -25.09
N GLU B 211 3.14 28.02 -25.76
CA GLU B 211 3.77 28.86 -26.78
C GLU B 211 3.37 28.47 -28.23
ZN ZN C . -7.69 -37.33 0.62
C1 2IW D . -0.30 -18.81 -7.36
N1 2IW D . 1.74 -19.95 -7.65
O1 2IW D . 1.44 -18.65 -5.69
C2 2IW D . -1.49 -19.59 -6.64
N2 2IW D . 7.50 -25.60 -8.70
O2 2IW D . 1.31 -21.10 -9.65
C3 2IW D . -0.36 -19.67 -8.66
N3 2IW D . 7.22 -23.04 -7.17
O3 2IW D . 7.86 -21.04 -6.23
C4 2IW D . 1.08 -19.12 -6.77
C5 2IW D . 1.00 -20.34 -8.74
C6 2IW D . -1.55 -20.77 -8.54
C7 2IW D . -0.96 -20.96 -6.19
C8 2IW D . -2.50 -19.93 -7.68
C9 2IW D . -1.13 -21.67 -7.33
C10 2IW D . 8.43 -23.71 -7.15
C11 2IW D . 6.98 -21.75 -6.74
C12 2IW D . 8.87 -27.50 -9.44
C13 2IW D . 9.99 -26.95 -8.70
C14 2IW D . 9.91 -25.70 -7.94
C15 2IW D . 8.56 -24.97 -7.93
C16 2IW D . 7.60 -26.79 -9.43
C17 2IW D . 10.97 -25.10 -7.15
C18 2IW D . 10.83 -23.86 -6.38
C19 2IW D . 9.56 -23.18 -6.39
C20 2IW D . 11.26 -27.72 -8.79
C21 2IW D . 4.52 -22.06 -6.42
C22 2IW D . 3.19 -21.58 -6.68
C23 2IW D . 3.02 -20.36 -7.44
C24 2IW D . 4.11 -19.58 -7.98
C25 2IW D . 5.44 -20.05 -7.73
C26 2IW D . 5.60 -21.28 -6.96
ZN ZN E . -6.75 36.37 -12.32
C1 2IW F . -10.89 18.54 -0.75
N1 2IW F . -10.63 19.92 1.13
O1 2IW F . -8.73 18.82 0.27
C2 2IW F . -10.70 19.20 -2.18
N2 2IW F . -10.45 26.25 6.44
O2 2IW F . -12.84 20.67 1.38
C3 2IW F . -12.23 19.24 -0.45
N3 2IW F . -8.93 23.70 5.96
O3 2IW F . -7.67 21.80 6.40
C4 2IW F . -9.93 19.10 0.28
C5 2IW F . -11.96 20.05 0.80
C6 2IW F . -12.64 20.22 -1.67
C7 2IW F . -10.23 20.62 -1.98
C8 2IW F . -12.07 19.32 -2.77
C9 2IW F . -11.43 21.21 -1.77
C10 2IW F . -8.60 24.54 7.02
C11 2IW F . -8.48 22.41 5.69
C12 2IW F . -10.89 28.26 7.81
C13 2IW F . -9.80 27.87 8.68
C14 2IW F . -9.01 26.65 8.45
C15 2IW F . -9.36 25.79 7.25
C16 2IW F . -11.21 27.42 6.66
C17 2IW F . -7.92 26.20 9.30
C18 2IW F . -7.17 24.99 9.09
C19 2IW F . -7.53 24.17 7.94
C20 2IW F . -9.54 28.76 9.83
C21 2IW F . -9.70 20.52 4.66
C22 2IW F . -10.24 19.88 3.49
C23 2IW F . -10.10 20.55 2.20
C24 2IW F . -9.41 21.81 2.01
C25 2IW F . -8.87 22.45 3.18
C26 2IW F . -9.03 21.79 4.46
#